data_3IEQ
#
_entry.id   3IEQ
#
_cell.length_a   117.270
_cell.length_b   67.700
_cell.length_c   60.340
_cell.angle_alpha   90.000
_cell.angle_beta   96.380
_cell.angle_gamma   90.000
#
_symmetry.space_group_name_H-M   'C 1 2 1'
#
loop_
_entity.id
_entity.type
_entity.pdbx_description
1 polymer '2-C-methyl-D-erythritol 2,4-cyclodiphosphate synthase'
2 non-polymer 4-AMINO-1-BETA-D-RIBOFURANOSYL-2(1H)-PYRIMIDINONE
3 non-polymer 'ZINC ION'
4 non-polymer 'CHLORIDE ION'
5 non-polymer 'MAGNESIUM ION'
6 water water
#
_entity_poly.entity_id   1
_entity_poly.type   'polypeptide(L)'
_entity_poly.pdbx_seq_one_letter_code
;MAHHHHHHMGTLEAQTQGPGSMDFRIGQGYDVHQLVPGRPLIIGGVTIPYERGLLGHSDADVLLHAITDALFGAAALGDI
GRHFSDTDPRFKGADSRALLRECASRVAQAGFAIRNVDSTIIAQAPKLAPHIDAMRANIAADLDLPLDRVNVKAKTNEKL
GYLGRGEGIEAQAAALVVREAAA
;
_entity_poly.pdbx_strand_id   A,B,C
#
# COMPACT_ATOMS: atom_id res chain seq x y z
N MET A 22 11.55 -21.49 -4.46
CA MET A 22 11.40 -20.55 -3.31
C MET A 22 11.82 -19.12 -3.69
N ASP A 23 11.73 -18.81 -4.98
CA ASP A 23 12.05 -17.47 -5.48
C ASP A 23 10.80 -16.56 -5.49
N PHE A 24 10.37 -16.17 -4.30
CA PHE A 24 9.16 -15.37 -4.12
C PHE A 24 9.41 -13.89 -4.40
N ARG A 25 8.39 -13.21 -4.92
CA ARG A 25 8.43 -11.75 -5.09
C ARG A 25 7.07 -11.16 -4.73
N ILE A 26 7.08 -9.94 -4.22
CA ILE A 26 5.85 -9.21 -3.96
C ILE A 26 5.71 -7.95 -4.85
N GLY A 27 4.47 -7.60 -5.14
CA GLY A 27 4.15 -6.39 -5.85
C GLY A 27 3.01 -5.70 -5.14
N GLN A 28 2.90 -4.39 -5.35
CA GLN A 28 1.80 -3.61 -4.80
C GLN A 28 1.27 -2.68 -5.88
N GLY A 29 -0.02 -2.36 -5.78
CA GLY A 29 -0.64 -1.52 -6.81
C GLY A 29 -1.57 -0.51 -6.21
N TYR A 30 -1.74 0.59 -6.95
CA TYR A 30 -2.59 1.70 -6.57
C TYR A 30 -3.31 2.21 -7.81
N ASP A 31 -4.60 2.49 -7.68
CA ASP A 31 -5.30 3.21 -8.72
C ASP A 31 -6.44 4.07 -8.17
N VAL A 32 -6.76 5.15 -8.87
CA VAL A 32 -7.93 5.95 -8.55
C VAL A 32 -8.54 6.47 -9.84
N HIS A 33 -9.87 6.62 -9.88
CA HIS A 33 -10.56 7.26 -11.01
C HIS A 33 -11.68 8.15 -10.52
N GLN A 34 -11.97 9.21 -11.27
CA GLN A 34 -13.09 10.10 -10.96
C GLN A 34 -14.39 9.37 -11.21
N LEU A 35 -15.36 9.61 -10.35
CA LEU A 35 -16.71 9.08 -10.49
C LEU A 35 -17.60 10.17 -11.11
N VAL A 36 -18.05 9.95 -12.34
CA VAL A 36 -18.82 10.96 -13.11
C VAL A 36 -20.12 10.41 -13.71
N PRO A 37 -21.09 11.29 -14.04
CA PRO A 37 -22.31 10.85 -14.74
C PRO A 37 -22.01 10.37 -16.15
N GLY A 38 -22.92 9.57 -16.72
CA GLY A 38 -22.84 9.13 -18.11
C GLY A 38 -21.83 8.02 -18.43
N ARG A 39 -21.33 7.36 -17.38
CA ARG A 39 -20.33 6.29 -17.55
C ARG A 39 -20.81 5.03 -16.85
N PRO A 40 -20.45 3.85 -17.40
CA PRO A 40 -20.75 2.59 -16.70
C PRO A 40 -19.88 2.48 -15.46
N LEU A 41 -20.43 1.94 -14.38
CA LEU A 41 -19.60 1.63 -13.21
C LEU A 41 -19.12 0.19 -13.27
N ILE A 42 -17.84 0.02 -13.58
CA ILE A 42 -17.25 -1.31 -13.71
C ILE A 42 -16.09 -1.47 -12.74
N ILE A 43 -16.25 -2.37 -11.76
CA ILE A 43 -15.24 -2.62 -10.75
C ILE A 43 -15.08 -4.13 -10.60
N GLY A 44 -13.84 -4.61 -10.74
CA GLY A 44 -13.56 -6.05 -10.68
C GLY A 44 -14.31 -6.80 -11.76
N GLY A 45 -14.54 -6.14 -12.90
CA GLY A 45 -15.22 -6.75 -14.03
C GLY A 45 -16.74 -6.81 -13.90
N VAL A 46 -17.27 -6.32 -12.78
CA VAL A 46 -18.71 -6.34 -12.50
C VAL A 46 -19.34 -4.99 -12.87
N THR A 47 -20.34 -5.03 -13.73
CA THR A 47 -21.13 -3.83 -14.06
C THR A 47 -22.14 -3.61 -12.94
N ILE A 48 -21.95 -2.50 -12.21
CA ILE A 48 -22.76 -2.19 -11.03
C ILE A 48 -23.80 -1.13 -11.37
N PRO A 49 -25.10 -1.41 -11.10
CA PRO A 49 -26.17 -0.43 -11.30
C PRO A 49 -25.89 0.84 -10.49
N TYR A 50 -25.66 1.94 -11.19
CA TYR A 50 -25.38 3.21 -10.54
C TYR A 50 -25.56 4.36 -11.50
N GLU A 51 -25.94 5.51 -10.95
CA GLU A 51 -26.15 6.74 -11.73
C GLU A 51 -24.82 7.38 -12.18
N ARG A 52 -23.71 6.91 -11.64
CA ARG A 52 -22.39 7.38 -12.07
C ARG A 52 -21.45 6.20 -12.38
N GLY A 53 -20.36 6.48 -13.09
CA GLY A 53 -19.34 5.48 -13.37
C GLY A 53 -17.94 6.07 -13.34
N LEU A 54 -16.93 5.24 -13.53
CA LEU A 54 -15.54 5.70 -13.43
C LEU A 54 -15.05 6.23 -14.77
N LEU A 55 -14.33 7.35 -14.73
CA LEU A 55 -13.83 7.99 -15.93
C LEU A 55 -12.40 7.59 -16.23
N GLY A 56 -12.18 7.08 -17.44
CA GLY A 56 -10.84 6.73 -17.91
C GLY A 56 -10.83 6.50 -19.40
N HIS A 57 -9.65 6.22 -19.95
CA HIS A 57 -9.50 5.84 -21.36
C HIS A 57 -10.12 4.45 -21.66
N SER A 58 -9.83 3.47 -20.79
CA SER A 58 -10.44 2.14 -20.87
C SER A 58 -11.79 2.16 -20.17
N ASP A 59 -12.32 0.98 -19.82
CA ASP A 59 -13.52 0.93 -18.96
C ASP A 59 -13.30 1.51 -17.56
N ALA A 60 -12.04 1.90 -17.26
CA ALA A 60 -11.69 2.58 -16.00
C ALA A 60 -11.89 1.70 -14.74
N ASP A 61 -11.72 0.39 -14.90
CA ASP A 61 -11.89 -0.55 -13.78
C ASP A 61 -10.75 -0.38 -12.78
N VAL A 62 -10.99 0.41 -11.75
CA VAL A 62 -9.94 0.81 -10.78
C VAL A 62 -9.30 -0.39 -10.04
N LEU A 63 -10.13 -1.36 -9.67
CA LEU A 63 -9.65 -2.54 -8.95
C LEU A 63 -8.74 -3.37 -9.83
N LEU A 64 -9.16 -3.61 -11.07
CA LEU A 64 -8.37 -4.45 -11.96
C LEU A 64 -7.03 -3.79 -12.35
N HIS A 65 -7.06 -2.47 -12.47
CA HIS A 65 -5.86 -1.70 -12.79
C HIS A 65 -4.87 -1.76 -11.63
N ALA A 66 -5.38 -1.66 -10.40
CA ALA A 66 -4.55 -1.81 -9.20
C ALA A 66 -3.90 -3.20 -9.12
N ILE A 67 -4.67 -4.24 -9.42
CA ILE A 67 -4.17 -5.63 -9.41
C ILE A 67 -3.14 -5.89 -10.52
N THR A 68 -3.41 -5.36 -11.71
CA THR A 68 -2.52 -5.45 -12.85
C THR A 68 -1.16 -4.81 -12.50
N ASP A 69 -1.22 -3.61 -11.92
CA ASP A 69 -0.01 -2.94 -11.46
C ASP A 69 0.77 -3.76 -10.45
N ALA A 70 0.06 -4.39 -9.49
CA ALA A 70 0.72 -5.22 -8.48
C ALA A 70 1.45 -6.43 -9.10
N LEU A 71 0.85 -7.03 -10.13
CA LEU A 71 1.44 -8.20 -10.79
C LEU A 71 2.66 -7.86 -11.63
N PHE A 72 2.54 -6.84 -12.49
CA PHE A 72 3.67 -6.32 -13.24
C PHE A 72 4.82 -5.96 -12.28
N GLY A 73 4.45 -5.39 -11.14
CA GLY A 73 5.41 -4.95 -10.13
C GLY A 73 6.18 -6.08 -9.48
N ALA A 74 5.47 -7.15 -9.11
CA ALA A 74 6.08 -8.35 -8.54
C ALA A 74 7.07 -9.00 -9.52
N ALA A 75 6.76 -8.92 -10.80
CA ALA A 75 7.57 -9.56 -11.85
C ALA A 75 8.65 -8.62 -12.38
N ALA A 76 8.71 -7.41 -11.80
CA ALA A 76 9.59 -6.32 -12.22
C ALA A 76 9.45 -5.98 -13.71
N LEU A 77 8.20 -5.79 -14.15
CA LEU A 77 7.91 -5.56 -15.56
C LEU A 77 7.39 -4.14 -15.82
N GLY A 78 7.69 -3.23 -14.92
CA GLY A 78 7.22 -1.86 -15.04
C GLY A 78 5.81 -1.71 -14.51
N ASP A 79 4.95 -1.04 -15.27
CA ASP A 79 3.59 -0.76 -14.81
C ASP A 79 2.57 -0.89 -15.94
N ILE A 80 1.29 -0.74 -15.60
CA ILE A 80 0.21 -0.96 -16.55
C ILE A 80 0.30 -0.06 -17.79
N GLY A 81 0.69 1.19 -17.61
CA GLY A 81 0.85 2.15 -18.72
C GLY A 81 1.97 1.77 -19.69
N ARG A 82 3.06 1.24 -19.18
CA ARG A 82 4.12 0.72 -20.06
C ARG A 82 3.59 -0.37 -21.02
N HIS A 83 2.71 -1.22 -20.52
CA HIS A 83 2.20 -2.34 -21.32
C HIS A 83 0.96 -1.99 -22.11
N PHE A 84 0.11 -1.15 -21.55
CA PHE A 84 -1.16 -0.82 -22.18
C PHE A 84 -1.35 0.70 -22.18
N SER A 85 -0.79 1.32 -23.21
CA SER A 85 -0.69 2.77 -23.33
C SER A 85 -1.98 3.52 -23.05
N ASP A 86 -1.88 4.47 -22.14
CA ASP A 86 -2.97 5.35 -21.71
C ASP A 86 -3.61 6.17 -22.84
N THR A 87 -2.89 6.32 -23.94
CA THR A 87 -3.32 7.18 -25.03
C THR A 87 -3.51 6.44 -26.38
N ASP A 88 -3.25 5.13 -26.38
CA ASP A 88 -3.44 4.31 -27.58
C ASP A 88 -4.93 4.08 -27.83
N PRO A 89 -5.45 4.56 -28.99
CA PRO A 89 -6.86 4.42 -29.36
C PRO A 89 -7.39 2.99 -29.31
N ARG A 90 -6.50 2.00 -29.44
CA ARG A 90 -6.92 0.60 -29.40
C ARG A 90 -7.45 0.20 -28.01
N PHE A 91 -7.06 0.96 -26.99
CA PHE A 91 -7.50 0.71 -25.60
C PHE A 91 -8.66 1.61 -25.16
N LYS A 92 -9.28 2.31 -26.11
CA LYS A 92 -10.42 3.16 -25.81
C LYS A 92 -11.60 2.27 -25.43
N GLY A 93 -12.13 2.47 -24.22
CA GLY A 93 -13.18 1.60 -23.69
C GLY A 93 -12.74 0.16 -23.51
N ALA A 94 -11.42 -0.09 -23.55
CA ALA A 94 -10.89 -1.44 -23.40
C ALA A 94 -11.40 -2.17 -22.15
N ASP A 95 -11.71 -3.44 -22.32
CA ASP A 95 -12.12 -4.35 -21.25
C ASP A 95 -10.91 -4.61 -20.37
N SER A 96 -10.93 -4.12 -19.12
CA SER A 96 -9.79 -4.25 -18.22
C SER A 96 -9.50 -5.69 -17.74
N ARG A 97 -10.48 -6.58 -17.90
CA ARG A 97 -10.26 -8.03 -17.68
C ARG A 97 -9.38 -8.67 -18.75
N ALA A 98 -9.58 -8.31 -20.01
CA ALA A 98 -8.67 -8.74 -21.08
C ALA A 98 -7.25 -8.22 -20.81
N LEU A 99 -7.16 -7.00 -20.26
CA LEU A 99 -5.86 -6.44 -19.90
C LEU A 99 -5.24 -7.22 -18.74
N LEU A 100 -6.05 -7.55 -17.74
CA LEU A 100 -5.56 -8.37 -16.63
C LEU A 100 -5.08 -9.74 -17.11
N ARG A 101 -5.83 -10.36 -18.03
CA ARG A 101 -5.44 -11.67 -18.58
C ARG A 101 -4.13 -11.60 -19.37
N GLU A 102 -3.92 -10.50 -20.09
CA GLU A 102 -2.67 -10.32 -20.86
C GLU A 102 -1.49 -10.09 -19.90
N CYS A 103 -1.71 -9.27 -18.87
CA CYS A 103 -0.76 -9.08 -17.79
C CYS A 103 -0.32 -10.44 -17.22
N ALA A 104 -1.29 -11.28 -16.87
CA ALA A 104 -0.97 -12.58 -16.27
C ALA A 104 -0.19 -13.47 -17.22
N SER A 105 -0.54 -13.39 -18.51
CA SER A 105 0.19 -14.09 -19.56
C SER A 105 1.63 -13.59 -19.68
N ARG A 106 1.86 -12.27 -19.59
CA ARG A 106 3.23 -11.74 -19.62
C ARG A 106 4.00 -12.11 -18.34
N VAL A 107 3.31 -12.08 -17.21
CA VAL A 107 3.91 -12.48 -15.93
C VAL A 107 4.34 -13.96 -16.00
N ALA A 108 3.49 -14.82 -16.55
CA ALA A 108 3.84 -16.23 -16.75
C ALA A 108 5.01 -16.39 -17.72
N GLN A 109 5.04 -15.56 -18.76
CA GLN A 109 6.10 -15.61 -19.77
C GLN A 109 7.45 -15.17 -19.18
N ALA A 110 7.39 -14.26 -18.22
CA ALA A 110 8.58 -13.86 -17.47
C ALA A 110 9.08 -14.96 -16.53
N GLY A 111 8.26 -15.99 -16.33
CA GLY A 111 8.63 -17.16 -15.53
C GLY A 111 8.00 -17.27 -14.15
N PHE A 112 6.97 -16.47 -13.88
CA PHE A 112 6.35 -16.41 -12.55
C PHE A 112 4.97 -17.07 -12.51
N ALA A 113 4.70 -17.81 -11.43
CA ALA A 113 3.36 -18.29 -11.16
C ALA A 113 2.77 -17.35 -10.10
N ILE A 114 1.47 -17.10 -10.16
CA ILE A 114 0.85 -16.26 -9.12
C ILE A 114 0.45 -17.12 -7.93
N ARG A 115 0.79 -16.66 -6.73
CA ARG A 115 0.42 -17.37 -5.50
C ARG A 115 -0.85 -16.82 -4.82
N ASN A 116 -0.95 -15.50 -4.69
CA ASN A 116 -2.19 -14.89 -4.19
C ASN A 116 -2.32 -13.42 -4.50
N VAL A 117 -3.56 -12.92 -4.39
CA VAL A 117 -3.87 -11.52 -4.57
C VAL A 117 -4.79 -11.09 -3.45
N ASP A 118 -4.49 -9.92 -2.87
CA ASP A 118 -5.40 -9.28 -1.95
C ASP A 118 -5.58 -7.83 -2.40
N SER A 119 -6.70 -7.22 -2.03
CA SER A 119 -7.04 -5.90 -2.52
C SER A 119 -8.06 -5.21 -1.64
N THR A 120 -8.19 -3.89 -1.83
CA THR A 120 -9.18 -3.08 -1.14
C THR A 120 -9.73 -2.06 -2.13
N ILE A 121 -11.04 -1.83 -2.06
CA ILE A 121 -11.72 -0.75 -2.78
C ILE A 121 -12.17 0.28 -1.74
N ILE A 122 -11.82 1.54 -1.95
CA ILE A 122 -12.35 2.57 -1.07
C ILE A 122 -13.41 3.38 -1.82
N ALA A 123 -14.65 3.31 -1.34
CA ALA A 123 -15.77 4.01 -1.99
C ALA A 123 -16.85 4.40 -0.98
N GLN A 124 -17.29 5.67 -1.03
CA GLN A 124 -18.42 6.14 -0.20
C GLN A 124 -19.69 5.41 -0.63
N ALA A 125 -19.84 5.25 -1.94
CA ALA A 125 -21.02 4.66 -2.58
C ALA A 125 -20.63 4.10 -3.96
N PRO A 126 -21.40 3.13 -4.49
CA PRO A 126 -22.58 2.51 -3.90
C PRO A 126 -22.16 1.40 -2.94
N LYS A 127 -23.13 0.65 -2.43
CA LYS A 127 -22.88 -0.52 -1.60
C LYS A 127 -22.23 -1.56 -2.50
N LEU A 128 -21.03 -2.00 -2.11
CA LEU A 128 -20.27 -2.95 -2.92
C LEU A 128 -20.44 -4.40 -2.46
N ALA A 129 -20.89 -4.59 -1.22
CA ALA A 129 -20.99 -5.94 -0.64
C ALA A 129 -21.70 -6.98 -1.54
N PRO A 130 -22.84 -6.63 -2.17
CA PRO A 130 -23.51 -7.62 -3.03
C PRO A 130 -22.73 -8.05 -4.29
N HIS A 131 -21.66 -7.34 -4.63
CA HIS A 131 -20.91 -7.57 -5.87
C HIS A 131 -19.50 -8.14 -5.66
N ILE A 132 -19.04 -8.13 -4.42
CA ILE A 132 -17.67 -8.51 -4.06
C ILE A 132 -17.30 -9.95 -4.45
N ASP A 133 -18.21 -10.91 -4.19
CA ASP A 133 -17.94 -12.33 -4.54
C ASP A 133 -17.77 -12.50 -6.06
N ALA A 134 -18.61 -11.80 -6.82
CA ALA A 134 -18.55 -11.80 -8.27
C ALA A 134 -17.23 -11.20 -8.78
N MET A 135 -16.79 -10.12 -8.16
CA MET A 135 -15.49 -9.52 -8.48
C MET A 135 -14.36 -10.51 -8.23
N ARG A 136 -14.42 -11.18 -7.08
CA ARG A 136 -13.41 -12.16 -6.71
C ARG A 136 -13.35 -13.31 -7.72
N ALA A 137 -14.53 -13.79 -8.13
CA ALA A 137 -14.64 -14.87 -9.14
C ALA A 137 -14.05 -14.46 -10.49
N ASN A 138 -14.24 -13.20 -10.87
CA ASN A 138 -13.71 -12.69 -12.15
C ASN A 138 -12.21 -12.71 -12.14
N ILE A 139 -11.63 -12.16 -11.07
CA ILE A 139 -10.18 -12.05 -10.93
C ILE A 139 -9.54 -13.44 -10.89
N ALA A 140 -10.15 -14.35 -10.12
CA ALA A 140 -9.68 -15.72 -10.01
C ALA A 140 -9.66 -16.38 -11.38
N ALA A 141 -10.75 -16.18 -12.14
CA ALA A 141 -10.85 -16.73 -13.49
C ALA A 141 -9.75 -16.19 -14.42
N ASP A 142 -9.53 -14.87 -14.37
CA ASP A 142 -8.54 -14.20 -15.23
C ASP A 142 -7.10 -14.54 -14.87
N LEU A 143 -6.87 -14.88 -13.61
CA LEU A 143 -5.53 -15.24 -13.15
C LEU A 143 -5.29 -16.75 -13.11
N ASP A 144 -6.28 -17.54 -13.53
CA ASP A 144 -6.22 -19.01 -13.46
C ASP A 144 -5.93 -19.45 -12.01
N LEU A 145 -6.65 -18.86 -11.04
CA LEU A 145 -6.46 -19.21 -9.64
C LEU A 145 -7.76 -19.77 -9.04
N PRO A 146 -7.66 -20.62 -8.00
CA PRO A 146 -8.86 -20.96 -7.22
C PRO A 146 -9.34 -19.73 -6.45
N LEU A 147 -10.61 -19.70 -6.07
CA LEU A 147 -11.17 -18.60 -5.28
C LEU A 147 -10.40 -18.30 -3.97
N ASP A 148 -9.89 -19.34 -3.32
CA ASP A 148 -9.24 -19.18 -2.03
C ASP A 148 -7.85 -18.51 -2.10
N ARG A 149 -7.42 -18.16 -3.31
CA ARG A 149 -6.16 -17.42 -3.49
C ARG A 149 -6.38 -15.97 -3.94
N VAL A 150 -7.65 -15.53 -3.96
CA VAL A 150 -7.99 -14.17 -4.35
C VAL A 150 -8.89 -13.58 -3.28
N ASN A 151 -8.61 -12.33 -2.91
CA ASN A 151 -9.43 -11.63 -1.92
C ASN A 151 -9.71 -10.18 -2.33
N VAL A 152 -10.95 -9.75 -2.12
CA VAL A 152 -11.35 -8.37 -2.36
C VAL A 152 -12.03 -7.81 -1.11
N LYS A 153 -11.51 -6.69 -0.62
CA LYS A 153 -12.05 -6.01 0.55
C LYS A 153 -12.63 -4.65 0.13
N ALA A 154 -13.59 -4.14 0.89
CA ALA A 154 -14.21 -2.86 0.59
C ALA A 154 -14.33 -2.04 1.84
N LYS A 155 -14.29 -0.72 1.69
CA LYS A 155 -14.53 0.17 2.82
C LYS A 155 -14.85 1.56 2.35
N THR A 156 -15.39 2.35 3.27
CA THR A 156 -15.62 3.76 3.02
C THR A 156 -14.35 4.47 3.45
N ASN A 157 -14.26 5.76 3.15
CA ASN A 157 -13.17 6.58 3.67
C ASN A 157 -13.59 7.38 4.91
N GLU A 158 -14.61 6.89 5.61
CA GLU A 158 -15.13 7.54 6.82
C GLU A 158 -15.43 9.02 6.58
N LYS A 159 -15.97 9.29 5.38
CA LYS A 159 -16.40 10.61 4.94
C LYS A 159 -15.25 11.60 4.72
N LEU A 160 -14.02 11.11 4.69
CA LEU A 160 -12.87 12.01 4.58
C LEU A 160 -12.40 12.19 3.13
N GLY A 161 -12.17 13.45 2.76
CA GLY A 161 -11.52 13.80 1.50
C GLY A 161 -12.39 13.62 0.28
N TYR A 162 -11.78 13.74 -0.90
CA TYR A 162 -12.48 13.57 -2.18
C TYR A 162 -13.19 12.21 -2.27
N LEU A 163 -12.63 11.20 -1.61
CA LEU A 163 -13.25 9.87 -1.56
C LEU A 163 -14.51 9.90 -0.71
N GLY A 164 -14.45 10.66 0.39
CA GLY A 164 -15.61 10.85 1.27
C GLY A 164 -16.71 11.64 0.60
N ARG A 165 -16.34 12.52 -0.32
CA ARG A 165 -17.31 13.34 -1.06
C ARG A 165 -17.82 12.64 -2.33
N GLY A 166 -17.37 11.40 -2.52
CA GLY A 166 -17.77 10.59 -3.65
C GLY A 166 -17.29 11.11 -5.00
N GLU A 167 -16.13 11.75 -5.00
CA GLU A 167 -15.57 12.34 -6.23
C GLU A 167 -14.77 11.31 -7.04
N GLY A 168 -14.36 10.23 -6.38
CA GLY A 168 -13.65 9.15 -7.04
C GLY A 168 -13.67 7.91 -6.18
N ILE A 169 -13.18 6.82 -6.76
CA ILE A 169 -13.04 5.53 -6.10
C ILE A 169 -11.58 5.10 -6.25
N GLU A 170 -11.03 4.58 -5.16
CA GLU A 170 -9.63 4.16 -5.12
C GLU A 170 -9.59 2.65 -4.93
N ALA A 171 -8.53 2.02 -5.44
CA ALA A 171 -8.25 0.62 -5.11
C ALA A 171 -6.78 0.42 -4.78
N GLN A 172 -6.53 -0.56 -3.93
CA GLN A 172 -5.19 -0.95 -3.56
C GLN A 172 -5.07 -2.46 -3.77
N ALA A 173 -3.88 -2.93 -4.09
CA ALA A 173 -3.65 -4.36 -4.34
C ALA A 173 -2.27 -4.81 -3.91
N ALA A 174 -2.19 -6.08 -3.52
CA ALA A 174 -0.92 -6.73 -3.23
C ALA A 174 -0.93 -8.11 -3.88
N ALA A 175 0.19 -8.51 -4.44
CA ALA A 175 0.29 -9.81 -5.10
C ALA A 175 1.57 -10.50 -4.69
N LEU A 176 1.49 -11.81 -4.47
CA LEU A 176 2.67 -12.64 -4.27
C LEU A 176 2.82 -13.59 -5.44
N VAL A 177 4.03 -13.62 -6.01
CA VAL A 177 4.35 -14.56 -7.09
C VAL A 177 5.59 -15.35 -6.71
N VAL A 178 5.93 -16.35 -7.53
CA VAL A 178 7.11 -17.18 -7.33
C VAL A 178 7.73 -17.56 -8.69
N ARG A 179 9.03 -17.35 -8.83
CA ARG A 179 9.79 -17.86 -9.99
C ARG A 179 10.53 -19.12 -9.59
N MET B 22 11.61 -21.37 4.13
CA MET B 22 12.45 -20.32 4.75
C MET B 22 11.63 -19.25 5.47
N ASP B 23 12.35 -18.30 6.06
CA ASP B 23 11.78 -17.31 6.96
C ASP B 23 11.64 -15.97 6.24
N PHE B 24 10.62 -15.88 5.40
CA PHE B 24 10.34 -14.66 4.64
C PHE B 24 9.60 -13.63 5.51
N ARG B 25 9.82 -12.36 5.22
CA ARG B 25 9.11 -11.24 5.86
C ARG B 25 8.73 -10.20 4.82
N ILE B 26 7.58 -9.55 5.02
CA ILE B 26 7.23 -8.40 4.18
C ILE B 26 7.27 -7.10 4.95
N GLY B 27 7.61 -6.04 4.25
CA GLY B 27 7.49 -4.68 4.76
C GLY B 27 6.80 -3.78 3.74
N GLN B 28 6.22 -2.69 4.24
CA GLN B 28 5.60 -1.69 3.39
C GLN B 28 6.03 -0.32 3.86
N GLY B 29 5.99 0.66 2.95
CA GLY B 29 6.48 1.99 3.20
C GLY B 29 5.64 3.04 2.52
N TYR B 30 5.60 4.22 3.14
CA TYR B 30 4.86 5.34 2.62
C TYR B 30 5.62 6.62 2.86
N ASP B 31 5.52 7.56 1.92
CA ASP B 31 6.05 8.89 2.12
C ASP B 31 5.33 9.91 1.25
N VAL B 32 5.38 11.17 1.68
CA VAL B 32 4.78 12.27 0.94
C VAL B 32 5.54 13.57 1.25
N HIS B 33 5.67 14.44 0.25
CA HIS B 33 6.27 15.75 0.43
C HIS B 33 5.52 16.79 -0.39
N GLN B 34 5.52 18.02 0.11
CA GLN B 34 4.88 19.12 -0.62
C GLN B 34 5.66 19.50 -1.89
N LEU B 35 4.92 19.94 -2.90
CA LEU B 35 5.50 20.33 -4.18
C LEU B 35 5.23 21.82 -4.43
N VAL B 36 6.27 22.63 -4.29
CA VAL B 36 6.17 24.08 -4.51
C VAL B 36 7.38 24.61 -5.31
N PRO B 37 7.22 25.77 -6.01
CA PRO B 37 8.37 26.40 -6.67
C PRO B 37 9.47 26.71 -5.68
N GLY B 38 10.73 26.57 -6.09
CA GLY B 38 11.87 26.98 -5.27
C GLY B 38 12.84 25.90 -4.82
N ARG B 39 12.51 24.65 -5.13
CA ARG B 39 13.38 23.53 -4.77
C ARG B 39 13.57 22.59 -5.97
N PRO B 40 14.68 21.82 -5.97
CA PRO B 40 14.83 20.82 -7.03
C PRO B 40 13.86 19.64 -6.85
N LEU B 41 13.60 18.91 -7.93
CA LEU B 41 12.81 17.68 -7.88
C LEU B 41 13.74 16.47 -7.95
N ILE B 42 13.89 15.77 -6.82
CA ILE B 42 14.72 14.58 -6.77
C ILE B 42 13.89 13.38 -6.33
N ILE B 43 13.73 12.42 -7.25
CA ILE B 43 13.00 11.18 -6.95
C ILE B 43 13.83 9.98 -7.38
N GLY B 44 13.99 9.02 -6.47
CA GLY B 44 14.80 7.83 -6.72
C GLY B 44 16.22 8.17 -7.11
N GLY B 45 16.78 9.19 -6.45
CA GLY B 45 18.12 9.67 -6.71
C GLY B 45 18.32 10.47 -7.99
N VAL B 46 17.22 10.78 -8.69
CA VAL B 46 17.25 11.46 -9.99
C VAL B 46 16.71 12.88 -9.93
N THR B 47 17.50 13.83 -10.41
CA THR B 47 17.06 15.22 -10.49
C THR B 47 16.25 15.43 -11.76
N ILE B 48 15.03 15.89 -11.61
CA ILE B 48 14.12 16.05 -12.73
C ILE B 48 13.79 17.52 -12.93
N PRO B 49 14.11 18.07 -14.13
CA PRO B 49 13.81 19.46 -14.47
C PRO B 49 12.33 19.76 -14.33
N TYR B 50 12.00 20.69 -13.45
CA TYR B 50 10.60 21.03 -13.20
C TYR B 50 10.43 22.36 -12.49
N GLU B 51 9.32 23.04 -12.78
CA GLU B 51 8.99 24.33 -12.20
C GLU B 51 8.67 24.28 -10.69
N ARG B 52 8.64 23.05 -10.14
CA ARG B 52 8.41 22.84 -8.70
C ARG B 52 9.39 21.79 -8.14
N GLY B 53 9.48 21.72 -6.81
CA GLY B 53 10.37 20.78 -6.12
C GLY B 53 9.83 20.38 -4.76
N LEU B 54 10.44 19.36 -4.17
CA LEU B 54 9.91 18.77 -2.92
C LEU B 54 10.60 19.33 -1.67
N LEU B 55 9.78 19.75 -0.70
CA LEU B 55 10.27 20.38 0.54
C LEU B 55 10.77 19.37 1.57
N ASP B 59 17.00 16.36 0.98
CA ASP B 59 16.68 16.30 -0.45
C ASP B 59 15.22 15.93 -0.73
N ALA B 60 14.52 15.40 0.28
CA ALA B 60 13.09 15.09 0.19
C ALA B 60 12.70 14.01 -0.84
N ASP B 61 13.56 13.01 -1.01
CA ASP B 61 13.32 11.93 -1.98
C ASP B 61 12.25 10.94 -1.50
N VAL B 62 10.99 11.22 -1.85
CA VAL B 62 9.86 10.40 -1.40
C VAL B 62 10.02 8.91 -1.71
N LEU B 63 10.52 8.61 -2.91
CA LEU B 63 10.64 7.22 -3.34
C LEU B 63 11.60 6.47 -2.45
N LEU B 64 12.79 7.01 -2.24
CA LEU B 64 13.82 6.35 -1.44
C LEU B 64 13.42 6.21 0.05
N HIS B 65 12.75 7.23 0.59
CA HIS B 65 12.22 7.16 1.97
C HIS B 65 11.22 6.02 2.14
N ALA B 66 10.25 5.93 1.22
CA ALA B 66 9.26 4.85 1.22
C ALA B 66 9.91 3.46 1.17
N ILE B 67 10.91 3.29 0.31
CA ILE B 67 11.64 2.01 0.22
C ILE B 67 12.43 1.72 1.50
N THR B 68 13.07 2.76 2.05
CA THR B 68 13.84 2.63 3.29
C THR B 68 12.93 2.11 4.41
N ASP B 69 11.78 2.76 4.57
CA ASP B 69 10.78 2.37 5.56
C ASP B 69 10.28 0.94 5.36
N ALA B 70 10.02 0.58 4.10
CA ALA B 70 9.56 -0.77 3.77
C ALA B 70 10.59 -1.82 4.19
N LEU B 71 11.86 -1.50 3.98
CA LEU B 71 12.96 -2.37 4.38
C LEU B 71 13.12 -2.53 5.90
N PHE B 72 13.05 -1.41 6.63
CA PHE B 72 13.12 -1.46 8.10
C PHE B 72 11.92 -2.22 8.63
N GLY B 73 10.76 -2.00 7.98
CA GLY B 73 9.52 -2.66 8.33
C GLY B 73 9.60 -4.17 8.18
N ALA B 74 10.11 -4.64 7.04
CA ALA B 74 10.29 -6.08 6.80
C ALA B 74 11.22 -6.74 7.84
N ALA B 75 12.28 -6.04 8.20
CA ALA B 75 13.24 -6.52 9.19
C ALA B 75 12.79 -6.27 10.64
N ALA B 76 11.63 -5.61 10.81
CA ALA B 76 11.08 -5.26 12.13
C ALA B 76 12.04 -4.46 13.00
N LEU B 77 12.60 -3.41 12.39
CA LEU B 77 13.58 -2.54 13.04
C LEU B 77 13.09 -1.10 13.26
N GLY B 78 11.78 -0.90 13.39
CA GLY B 78 11.23 0.45 13.58
C GLY B 78 10.97 1.16 12.26
N ASP B 79 11.41 2.41 12.17
CA ASP B 79 11.20 3.21 10.95
C ASP B 79 12.38 4.15 10.66
N ILE B 80 12.30 4.81 9.51
CA ILE B 80 13.39 5.66 9.02
C ILE B 80 13.80 6.75 10.04
N GLY B 81 12.81 7.38 10.66
CA GLY B 81 13.03 8.44 11.64
C GLY B 81 13.70 7.99 12.93
N ARG B 82 13.47 6.74 13.33
CA ARG B 82 14.17 6.19 14.49
C ARG B 82 15.64 5.89 14.20
N HIS B 83 15.94 5.51 12.96
CA HIS B 83 17.34 5.25 12.58
C HIS B 83 18.12 6.51 12.22
N PHE B 84 17.53 7.38 11.42
CA PHE B 84 18.23 8.57 10.91
C PHE B 84 17.55 9.84 11.37
N SER B 85 17.91 10.26 12.58
CA SER B 85 17.28 11.39 13.23
C SER B 85 17.65 12.70 12.55
N ASP B 86 16.69 13.62 12.57
CA ASP B 86 16.86 14.96 12.04
C ASP B 86 18.08 15.67 12.66
N THR B 87 18.33 15.39 13.94
CA THR B 87 19.39 16.03 14.70
C THR B 87 20.73 15.28 14.69
N ASP B 88 20.68 13.96 14.54
CA ASP B 88 21.86 13.09 14.58
C ASP B 88 23.04 13.67 13.79
N PRO B 89 24.17 13.93 14.48
CA PRO B 89 25.40 14.44 13.86
C PRO B 89 25.93 13.57 12.70
N ARG B 90 25.77 12.26 12.80
CA ARG B 90 26.26 11.33 11.78
C ARG B 90 25.53 11.46 10.45
N PHE B 91 24.30 12.00 10.47
CA PHE B 91 23.45 12.08 9.28
C PHE B 91 22.97 13.51 9.00
N ALA B 94 23.47 14.13 4.98
CA ALA B 94 23.51 12.97 4.09
C ALA B 94 22.25 12.92 3.21
N ASP B 95 22.41 12.43 1.99
CA ASP B 95 21.28 12.29 1.08
C ASP B 95 20.56 10.95 1.25
N SER B 96 19.35 10.86 0.68
CA SER B 96 18.50 9.67 0.83
C SER B 96 19.11 8.39 0.29
N ARG B 97 20.02 8.50 -0.66
CA ARG B 97 20.74 7.35 -1.19
C ARG B 97 21.74 6.80 -0.17
N ALA B 98 22.40 7.72 0.56
CA ALA B 98 23.32 7.32 1.61
C ALA B 98 22.54 6.61 2.73
N LEU B 99 21.36 7.12 3.05
CA LEU B 99 20.51 6.54 4.08
C LEU B 99 19.97 5.18 3.67
N LEU B 100 19.62 5.02 2.39
CA LEU B 100 19.21 3.72 1.87
C LEU B 100 20.33 2.67 2.01
N ARG B 101 21.56 3.04 1.64
CA ARG B 101 22.72 2.15 1.80
C ARG B 101 22.95 1.72 3.26
N GLU B 102 22.84 2.68 4.18
CA GLU B 102 22.99 2.37 5.61
C GLU B 102 21.84 1.48 6.08
N CYS B 103 20.63 1.78 5.61
CA CYS B 103 19.46 0.93 5.87
C CYS B 103 19.70 -0.54 5.46
N ALA B 104 20.25 -0.73 4.25
CA ALA B 104 20.55 -2.06 3.71
C ALA B 104 21.60 -2.80 4.52
N SER B 105 22.60 -2.07 5.01
CA SER B 105 23.63 -2.66 5.86
C SER B 105 23.05 -3.11 7.20
N ARG B 106 22.15 -2.30 7.76
CA ARG B 106 21.46 -2.65 9.01
C ARG B 106 20.54 -3.85 8.83
N VAL B 107 19.88 -3.92 7.66
CA VAL B 107 19.02 -5.06 7.34
C VAL B 107 19.87 -6.33 7.21
N ALA B 108 20.98 -6.24 6.46
CA ALA B 108 21.92 -7.35 6.35
C ALA B 108 22.37 -7.87 7.73
N GLN B 109 22.71 -6.95 8.62
CA GLN B 109 23.20 -7.30 9.96
C GLN B 109 22.17 -7.95 10.87
N ALA B 110 20.90 -7.58 10.67
CA ALA B 110 19.81 -8.21 11.38
C ALA B 110 19.61 -9.65 10.92
N GLY B 111 20.32 -10.02 9.84
CA GLY B 111 20.26 -11.38 9.31
C GLY B 111 19.41 -11.58 8.07
N PHE B 112 18.99 -10.49 7.42
CA PHE B 112 18.05 -10.58 6.29
C PHE B 112 18.70 -10.28 4.95
N ALA B 113 18.36 -11.08 3.95
CA ALA B 113 18.74 -10.78 2.56
C ALA B 113 17.50 -10.25 1.83
N ILE B 114 17.69 -9.18 1.06
CA ILE B 114 16.60 -8.57 0.32
C ILE B 114 16.29 -9.37 -0.94
N ARG B 115 15.02 -9.74 -1.09
CA ARG B 115 14.58 -10.52 -2.25
C ARG B 115 14.02 -9.66 -3.39
N ASN B 116 13.19 -8.66 -3.08
CA ASN B 116 12.73 -7.71 -4.10
C ASN B 116 12.08 -6.47 -3.50
N VAL B 117 12.00 -5.44 -4.34
CA VAL B 117 11.37 -4.17 -4.00
C VAL B 117 10.44 -3.80 -5.16
N ASP B 118 9.23 -3.37 -4.81
CA ASP B 118 8.31 -2.79 -5.77
C ASP B 118 7.82 -1.49 -5.18
N SER B 119 7.40 -0.55 -6.04
CA SER B 119 7.05 0.78 -5.60
C SER B 119 6.14 1.50 -6.59
N THR B 120 5.48 2.55 -6.11
CA THR B 120 4.67 3.42 -6.94
C THR B 120 4.91 4.89 -6.56
N ILE B 121 5.09 5.74 -7.56
CA ILE B 121 5.14 7.18 -7.34
C ILE B 121 3.83 7.79 -7.84
N ILE B 122 3.13 8.50 -6.97
CA ILE B 122 1.94 9.20 -7.42
C ILE B 122 2.28 10.68 -7.59
N ALA B 123 2.24 11.13 -8.84
CA ALA B 123 2.56 12.52 -9.16
C ALA B 123 1.80 12.90 -10.42
N GLN B 124 1.06 14.01 -10.35
CA GLN B 124 0.22 14.45 -11.44
C GLN B 124 1.10 14.91 -12.60
N ALA B 125 2.26 15.45 -12.26
CA ALA B 125 3.27 15.90 -13.21
C ALA B 125 4.57 16.08 -12.42
N PRO B 126 5.73 16.08 -13.11
CA PRO B 126 5.92 15.93 -14.55
C PRO B 126 5.88 14.46 -14.97
N LYS B 127 6.14 14.21 -16.26
CA LYS B 127 6.25 12.85 -16.79
C LYS B 127 7.48 12.16 -16.19
N LEU B 128 7.26 11.03 -15.53
CA LEU B 128 8.33 10.29 -14.86
C LEU B 128 8.90 9.11 -15.65
N ALA B 129 8.11 8.59 -16.60
CA ALA B 129 8.49 7.42 -17.38
C ALA B 129 9.94 7.43 -17.88
N PRO B 130 10.42 8.58 -18.44
CA PRO B 130 11.80 8.59 -18.94
C PRO B 130 12.84 8.33 -17.87
N HIS B 131 12.51 8.57 -16.61
CA HIS B 131 13.52 8.51 -15.54
C HIS B 131 13.50 7.22 -14.73
N ILE B 132 12.66 6.27 -15.14
CA ILE B 132 12.38 5.07 -14.36
C ILE B 132 13.58 4.12 -14.27
N ASP B 133 14.22 3.87 -15.41
CA ASP B 133 15.41 3.01 -15.44
C ASP B 133 16.57 3.55 -14.58
N ALA B 134 16.75 4.87 -14.56
CA ALA B 134 17.79 5.49 -13.72
C ALA B 134 17.49 5.28 -12.24
N MET B 135 16.27 5.63 -11.83
CA MET B 135 15.79 5.32 -10.46
C MET B 135 16.05 3.87 -10.08
N ARG B 136 15.61 2.92 -10.93
CA ARG B 136 15.82 1.48 -10.69
C ARG B 136 17.28 1.11 -10.56
N ALA B 137 18.12 1.67 -11.42
CA ALA B 137 19.57 1.46 -11.33
C ALA B 137 20.16 2.02 -10.04
N ASN B 138 19.73 3.21 -9.64
CA ASN B 138 20.17 3.80 -8.38
C ASN B 138 19.78 2.92 -7.20
N ILE B 139 18.51 2.52 -7.16
CA ILE B 139 18.00 1.67 -6.08
C ILE B 139 18.70 0.32 -6.03
N ALA B 140 18.83 -0.34 -7.19
CA ALA B 140 19.47 -1.66 -7.24
C ALA B 140 20.93 -1.61 -6.82
N ALA B 141 21.63 -0.56 -7.25
CA ALA B 141 23.02 -0.33 -6.83
C ALA B 141 23.13 -0.20 -5.31
N ASP B 142 22.32 0.70 -4.73
CA ASP B 142 22.32 0.95 -3.28
C ASP B 142 21.95 -0.29 -2.45
N LEU B 143 21.07 -1.14 -3.00
CA LEU B 143 20.66 -2.36 -2.29
C LEU B 143 21.48 -3.60 -2.65
N ASP B 144 22.44 -3.45 -3.57
CA ASP B 144 23.21 -4.59 -4.10
C ASP B 144 22.30 -5.70 -4.64
N LEU B 145 21.34 -5.29 -5.46
CA LEU B 145 20.36 -6.21 -6.04
C LEU B 145 20.50 -6.30 -7.54
N PRO B 146 20.27 -7.50 -8.12
CA PRO B 146 20.07 -7.62 -9.56
C PRO B 146 18.95 -6.68 -9.97
N LEU B 147 19.11 -6.03 -11.12
CA LEU B 147 18.15 -5.05 -11.63
C LEU B 147 16.71 -5.61 -11.66
N ASP B 148 16.56 -6.89 -12.01
CA ASP B 148 15.23 -7.50 -12.13
C ASP B 148 14.54 -7.80 -10.80
N ARG B 149 15.07 -7.28 -9.70
CA ARG B 149 14.45 -7.43 -8.39
C ARG B 149 14.02 -6.08 -7.84
N VAL B 150 14.15 -5.05 -8.66
CA VAL B 150 13.71 -3.70 -8.29
C VAL B 150 12.73 -3.19 -9.33
N ASN B 151 11.57 -2.75 -8.86
CA ASN B 151 10.57 -2.18 -9.76
C ASN B 151 10.08 -0.84 -9.26
N VAL B 152 9.87 0.08 -10.20
CA VAL B 152 9.29 1.37 -9.87
C VAL B 152 8.16 1.66 -10.84
N LYS B 153 7.01 2.04 -10.29
CA LYS B 153 5.84 2.38 -11.12
C LYS B 153 5.43 3.84 -10.91
N ALA B 154 4.64 4.38 -11.83
CA ALA B 154 4.20 5.79 -11.78
C ALA B 154 2.72 5.93 -12.09
N LYS B 155 2.04 6.83 -11.36
CA LYS B 155 0.60 7.09 -11.53
C LYS B 155 0.30 8.60 -11.37
N THR B 156 -0.71 9.11 -12.08
CA THR B 156 -1.27 10.41 -11.71
C THR B 156 -2.35 10.14 -10.67
N ASN B 157 -2.90 11.20 -10.09
CA ASN B 157 -4.02 11.03 -9.19
C ASN B 157 -5.36 11.46 -9.81
N GLU B 158 -5.40 11.45 -11.14
CA GLU B 158 -6.60 11.84 -11.90
C GLU B 158 -7.16 13.17 -11.44
N LYS B 159 -6.26 14.10 -11.15
CA LYS B 159 -6.62 15.48 -10.76
C LYS B 159 -7.45 15.57 -9.46
N LEU B 160 -7.37 14.51 -8.65
CA LEU B 160 -8.09 14.47 -7.37
C LEU B 160 -7.16 14.79 -6.21
N GLY B 161 -7.64 15.65 -5.29
CA GLY B 161 -6.92 15.97 -4.06
C GLY B 161 -5.66 16.78 -4.27
N TYR B 162 -4.91 16.94 -3.19
CA TYR B 162 -3.66 17.70 -3.23
C TYR B 162 -2.64 17.10 -4.21
N LEU B 163 -2.68 15.77 -4.37
CA LEU B 163 -1.80 15.09 -5.34
C LEU B 163 -2.20 15.45 -6.76
N GLY B 164 -3.50 15.39 -7.05
CA GLY B 164 -4.03 15.75 -8.36
C GLY B 164 -3.91 17.23 -8.70
N ARG B 165 -3.74 18.07 -7.68
CA ARG B 165 -3.54 19.51 -7.90
C ARG B 165 -2.07 19.87 -8.00
N GLY B 166 -1.20 18.87 -7.96
CA GLY B 166 0.25 19.08 -8.02
C GLY B 166 0.81 19.81 -6.80
N GLU B 167 0.12 19.66 -5.66
CA GLU B 167 0.56 20.29 -4.41
C GLU B 167 1.50 19.38 -3.61
N GLY B 168 1.62 18.12 -4.04
CA GLY B 168 2.52 17.17 -3.40
C GLY B 168 2.74 15.92 -4.24
N ILE B 169 3.66 15.08 -3.79
CA ILE B 169 3.98 13.81 -4.47
C ILE B 169 4.06 12.71 -3.42
N GLU B 170 3.46 11.57 -3.71
CA GLU B 170 3.46 10.42 -2.80
C GLU B 170 4.25 9.26 -3.40
N ALA B 171 4.88 8.47 -2.53
CA ALA B 171 5.48 7.20 -2.91
C ALA B 171 4.96 6.08 -2.02
N GLN B 172 4.87 4.88 -2.60
CA GLN B 172 4.48 3.68 -1.88
C GLN B 172 5.51 2.61 -2.20
N ALA B 173 5.88 1.80 -1.21
CA ALA B 173 6.79 0.68 -1.43
C ALA B 173 6.41 -0.62 -0.71
N ALA B 174 6.83 -1.74 -1.30
CA ALA B 174 6.70 -3.06 -0.71
C ALA B 174 8.05 -3.75 -0.82
N ALA B 175 8.45 -4.45 0.23
CA ALA B 175 9.72 -5.18 0.21
C ALA B 175 9.56 -6.58 0.79
N LEU B 176 10.17 -7.56 0.12
CA LEU B 176 10.23 -8.91 0.63
C LEU B 176 11.67 -9.25 0.98
N VAL B 177 11.87 -9.76 2.20
CA VAL B 177 13.17 -10.20 2.66
C VAL B 177 13.11 -11.63 3.19
N VAL B 178 14.27 -12.24 3.39
CA VAL B 178 14.35 -13.58 3.95
C VAL B 178 15.49 -13.68 4.99
N ARG B 179 15.18 -14.33 6.11
CA ARG B 179 16.17 -14.58 7.16
C ARG B 179 16.98 -15.83 6.84
N MET C 22 6.73 -23.78 0.28
CA MET C 22 5.67 -23.56 1.31
C MET C 22 4.65 -22.55 0.79
N ASP C 23 3.43 -22.62 1.32
CA ASP C 23 2.29 -21.90 0.75
C ASP C 23 2.09 -20.54 1.39
N PHE C 24 2.95 -19.59 1.01
CA PHE C 24 2.89 -18.23 1.53
C PHE C 24 1.78 -17.40 0.85
N ARG C 25 1.23 -16.44 1.61
CA ARG C 25 0.20 -15.51 1.08
C ARG C 25 0.50 -14.16 1.68
N ILE C 26 0.23 -13.08 0.94
CA ILE C 26 0.29 -11.75 1.52
C ILE C 26 -1.08 -11.06 1.59
N GLY C 27 -1.20 -10.15 2.54
CA GLY C 27 -2.41 -9.34 2.70
C GLY C 27 -2.02 -7.90 2.92
N GLN C 28 -2.89 -6.98 2.53
CA GLN C 28 -2.69 -5.56 2.76
C GLN C 28 -3.94 -4.97 3.38
N GLY C 29 -3.75 -4.00 4.27
CA GLY C 29 -4.87 -3.40 4.98
C GLY C 29 -4.76 -1.89 5.00
N TYR C 30 -5.91 -1.24 4.99
CA TYR C 30 -5.99 0.22 5.03
C TYR C 30 -7.15 0.62 5.92
N ASP C 31 -6.96 1.62 6.75
CA ASP C 31 -8.09 2.17 7.51
C ASP C 31 -7.86 3.64 7.78
N VAL C 32 -8.94 4.37 7.98
CA VAL C 32 -8.89 5.78 8.38
C VAL C 32 -10.08 6.11 9.28
N HIS C 33 -9.86 6.98 10.26
CA HIS C 33 -10.93 7.44 11.13
C HIS C 33 -10.81 8.96 11.38
N GLN C 34 -11.95 9.60 11.53
CA GLN C 34 -12.02 11.01 11.90
C GLN C 34 -11.53 11.24 13.33
N LEU C 35 -10.83 12.36 13.53
CA LEU C 35 -10.46 12.84 14.87
C LEU C 35 -11.51 13.82 15.39
N VAL C 36 -12.14 13.48 16.51
CA VAL C 36 -13.28 14.27 17.04
C VAL C 36 -13.13 14.55 18.55
N PRO C 37 -13.75 15.63 19.07
CA PRO C 37 -13.71 15.92 20.51
C PRO C 37 -14.40 14.85 21.36
N GLY C 38 -14.04 14.80 22.65
CA GLY C 38 -14.75 13.97 23.63
C GLY C 38 -14.58 12.47 23.44
N ARG C 39 -13.50 12.09 22.75
CA ARG C 39 -13.18 10.69 22.49
C ARG C 39 -11.74 10.41 22.92
N PRO C 40 -11.49 9.24 23.52
CA PRO C 40 -10.11 8.85 23.78
C PRO C 40 -9.39 8.51 22.48
N LEU C 41 -8.10 8.82 22.42
CA LEU C 41 -7.25 8.44 21.30
C LEU C 41 -6.56 7.12 21.60
N ILE C 42 -7.02 6.07 20.94
CA ILE C 42 -6.47 4.74 21.14
C ILE C 42 -5.90 4.22 19.82
N ILE C 43 -4.58 4.02 19.79
CA ILE C 43 -3.91 3.50 18.61
C ILE C 43 -3.03 2.32 19.02
N GLY C 44 -3.18 1.20 18.33
CA GLY C 44 -2.46 -0.04 18.65
C GLY C 44 -2.62 -0.45 20.11
N GLY C 45 -3.81 -0.21 20.66
CA GLY C 45 -4.12 -0.56 22.04
C GLY C 45 -3.61 0.44 23.07
N VAL C 46 -2.85 1.44 22.62
CA VAL C 46 -2.31 2.47 23.53
C VAL C 46 -3.20 3.72 23.58
N THR C 47 -3.71 4.03 24.78
CA THR C 47 -4.39 5.30 25.03
C THR C 47 -3.37 6.43 25.07
N ILE C 48 -3.57 7.41 24.19
CA ILE C 48 -2.64 8.53 24.07
C ILE C 48 -3.36 9.80 24.49
N PRO C 49 -2.73 10.60 25.38
CA PRO C 49 -3.27 11.91 25.77
C PRO C 49 -3.35 12.85 24.57
N TYR C 50 -4.52 13.40 24.33
CA TYR C 50 -4.77 14.27 23.17
C TYR C 50 -6.15 14.91 23.27
N GLU C 51 -6.31 16.11 22.73
CA GLU C 51 -7.60 16.82 22.83
C GLU C 51 -8.73 16.17 22.01
N ARG C 52 -8.38 15.33 21.03
CA ARG C 52 -9.36 14.59 20.26
C ARG C 52 -9.07 13.08 20.28
N GLY C 53 -10.02 12.29 19.79
CA GLY C 53 -9.87 10.85 19.66
C GLY C 53 -10.56 10.35 18.40
N LEU C 54 -10.40 9.06 18.09
CA LEU C 54 -10.91 8.52 16.83
C LEU C 54 -12.37 8.10 16.93
N LEU C 55 -13.14 8.49 15.91
CA LEU C 55 -14.56 8.18 15.81
C LEU C 55 -14.80 6.90 15.03
N GLY C 56 -15.57 6.00 15.63
CA GLY C 56 -15.97 4.74 14.97
C GLY C 56 -16.96 4.00 15.85
N HIS C 57 -17.65 3.02 15.26
CA HIS C 57 -18.63 2.20 15.99
C HIS C 57 -17.98 1.48 17.17
N SER C 58 -16.84 0.83 16.92
CA SER C 58 -16.01 0.22 17.96
C SER C 58 -15.22 1.30 18.71
N ASP C 59 -14.08 0.94 19.30
CA ASP C 59 -13.18 1.93 19.90
C ASP C 59 -12.33 2.65 18.81
N ALA C 60 -12.58 2.31 17.55
CA ALA C 60 -11.98 3.00 16.40
C ALA C 60 -10.44 3.00 16.37
N ASP C 61 -9.82 1.90 16.80
CA ASP C 61 -8.36 1.76 16.73
C ASP C 61 -7.91 1.50 15.28
N VAL C 62 -7.53 2.58 14.61
CA VAL C 62 -7.22 2.60 13.18
C VAL C 62 -6.10 1.63 12.80
N LEU C 63 -5.06 1.55 13.65
CA LEU C 63 -3.94 0.66 13.38
C LEU C 63 -4.37 -0.82 13.47
N LEU C 64 -5.13 -1.17 14.51
CA LEU C 64 -5.54 -2.55 14.68
C LEU C 64 -6.52 -3.02 13.59
N HIS C 65 -7.41 -2.13 13.16
CA HIS C 65 -8.30 -2.42 12.02
C HIS C 65 -7.53 -2.69 10.73
N ALA C 66 -6.53 -1.86 10.45
CA ALA C 66 -5.72 -2.04 9.25
C ALA C 66 -5.02 -3.39 9.26
N ILE C 67 -4.41 -3.74 10.39
CA ILE C 67 -3.72 -5.03 10.54
C ILE C 67 -4.72 -6.18 10.41
N THR C 68 -5.89 -6.02 11.04
CA THR C 68 -6.95 -7.01 10.95
C THR C 68 -7.35 -7.30 9.49
N ASP C 69 -7.62 -6.24 8.72
CA ASP C 69 -7.94 -6.37 7.28
C ASP C 69 -6.83 -7.07 6.50
N ALA C 70 -5.57 -6.73 6.79
CA ALA C 70 -4.43 -7.37 6.11
C ALA C 70 -4.34 -8.87 6.43
N LEU C 71 -4.69 -9.25 7.65
CA LEU C 71 -4.66 -10.66 8.03
C LEU C 71 -5.83 -11.41 7.40
N PHE C 72 -7.03 -10.82 7.43
CA PHE C 72 -8.16 -11.42 6.70
C PHE C 72 -7.84 -11.52 5.20
N GLY C 73 -7.18 -10.48 4.67
CA GLY C 73 -6.82 -10.47 3.26
C GLY C 73 -5.86 -11.58 2.89
N ALA C 74 -4.82 -11.76 3.70
CA ALA C 74 -3.82 -12.82 3.46
C ALA C 74 -4.44 -14.23 3.50
N ALA C 75 -5.38 -14.43 4.41
CA ALA C 75 -6.11 -15.70 4.51
C ALA C 75 -7.25 -15.82 3.50
N ALA C 76 -7.45 -14.79 2.66
CA ALA C 76 -8.60 -14.72 1.74
C ALA C 76 -9.95 -14.99 2.42
N LEU C 77 -10.15 -14.36 3.58
CA LEU C 77 -11.37 -14.49 4.36
C LEU C 77 -12.28 -13.25 4.24
N GLY C 78 -12.12 -12.46 3.18
CA GLY C 78 -12.89 -11.23 3.01
C GLY C 78 -12.31 -10.05 3.77
N ASP C 79 -13.16 -9.37 4.55
CA ASP C 79 -12.75 -8.15 5.27
C ASP C 79 -13.37 -8.01 6.66
N ILE C 80 -12.91 -6.98 7.38
CA ILE C 80 -13.32 -6.75 8.76
C ILE C 80 -14.84 -6.53 8.92
N GLY C 81 -15.45 -5.85 7.94
CA GLY C 81 -16.89 -5.56 7.94
C GLY C 81 -17.77 -6.78 7.74
N ARG C 82 -17.26 -7.75 6.99
CA ARG C 82 -17.90 -9.05 6.80
C ARG C 82 -17.93 -9.89 8.09
N HIS C 83 -16.87 -9.77 8.89
CA HIS C 83 -16.71 -10.59 10.08
C HIS C 83 -17.33 -9.96 11.34
N PHE C 84 -17.18 -8.65 11.47
CA PHE C 84 -17.58 -7.97 12.69
C PHE C 84 -18.55 -6.82 12.41
N ASP C 95 -13.96 -4.12 22.04
CA ASP C 95 -12.75 -3.35 21.75
C ASP C 95 -11.92 -3.98 20.62
N SER C 96 -11.04 -3.19 20.01
CA SER C 96 -10.33 -3.63 18.79
C SER C 96 -9.29 -4.73 19.00
N ARG C 97 -8.79 -4.87 20.23
CA ARG C 97 -7.83 -5.92 20.55
C ARG C 97 -8.52 -7.28 20.57
N ALA C 98 -9.77 -7.29 21.07
CA ALA C 98 -10.62 -8.47 21.06
C ALA C 98 -10.91 -8.91 19.63
N LEU C 99 -11.22 -7.95 18.77
CA LEU C 99 -11.44 -8.21 17.35
C LEU C 99 -10.15 -8.69 16.66
N LEU C 100 -9.02 -8.10 17.03
CA LEU C 100 -7.74 -8.56 16.47
C LEU C 100 -7.44 -10.00 16.90
N ARG C 101 -7.71 -10.30 18.17
CA ARG C 101 -7.59 -11.68 18.67
C ARG C 101 -8.52 -12.64 17.93
N GLU C 102 -9.75 -12.20 17.66
CA GLU C 102 -10.72 -13.02 16.93
C GLU C 102 -10.27 -13.22 15.48
N CYS C 103 -9.69 -12.18 14.91
CA CYS C 103 -9.13 -12.25 13.56
C CYS C 103 -8.07 -13.36 13.53
N ALA C 104 -7.13 -13.31 14.46
CA ALA C 104 -6.07 -14.32 14.55
C ALA C 104 -6.63 -15.73 14.65
N SER C 105 -7.70 -15.89 15.45
CA SER C 105 -8.38 -17.19 15.62
C SER C 105 -8.88 -17.72 14.27
N ARG C 106 -9.63 -16.89 13.56
CA ARG C 106 -10.21 -17.26 12.26
C ARG C 106 -9.15 -17.49 11.19
N VAL C 107 -8.03 -16.79 11.29
CA VAL C 107 -6.89 -17.08 10.41
C VAL C 107 -6.34 -18.48 10.70
N ALA C 108 -6.28 -18.84 11.98
CA ALA C 108 -5.85 -20.18 12.38
C ALA C 108 -6.88 -21.22 11.93
N GLN C 109 -8.17 -20.90 12.13
CA GLN C 109 -9.28 -21.76 11.68
C GLN C 109 -9.13 -22.16 10.22
N ALA C 110 -8.64 -21.22 9.41
CA ALA C 110 -8.50 -21.41 7.97
C ALA C 110 -7.23 -22.19 7.62
N GLY C 111 -6.39 -22.47 8.60
CA GLY C 111 -5.19 -23.28 8.40
C GLY C 111 -3.92 -22.49 8.18
N PHE C 112 -3.95 -21.19 8.52
CA PHE C 112 -2.78 -20.33 8.35
C PHE C 112 -2.06 -20.03 9.66
N ALA C 113 -0.74 -19.89 9.57
CA ALA C 113 0.07 -19.35 10.64
C ALA C 113 0.60 -17.96 10.21
N ILE C 114 0.61 -17.00 11.13
CA ILE C 114 1.11 -15.65 10.83
C ILE C 114 2.63 -15.62 10.88
N ARG C 115 3.27 -15.10 9.82
CA ARG C 115 4.73 -15.03 9.82
C ARG C 115 5.23 -13.67 10.29
N ASN C 116 4.69 -12.59 9.71
CA ASN C 116 5.06 -11.25 10.13
C ASN C 116 4.00 -10.21 9.79
N VAL C 117 4.04 -9.09 10.53
CA VAL C 117 3.17 -7.94 10.28
C VAL C 117 4.01 -6.68 10.28
N ASP C 118 3.73 -5.79 9.33
CA ASP C 118 4.32 -4.46 9.27
C ASP C 118 3.21 -3.44 9.05
N SER C 119 3.43 -2.21 9.50
CA SER C 119 2.40 -1.18 9.45
C SER C 119 2.97 0.24 9.51
N THR C 120 2.15 1.21 9.12
CA THR C 120 2.47 2.64 9.22
C THR C 120 1.25 3.40 9.75
N ILE C 121 1.49 4.31 10.69
CA ILE C 121 0.44 5.22 11.16
C ILE C 121 0.72 6.60 10.54
N ILE C 122 -0.29 7.20 9.91
CA ILE C 122 -0.12 8.56 9.40
C ILE C 122 -0.89 9.51 10.27
N ALA C 123 -0.15 10.23 11.10
CA ALA C 123 -0.73 11.19 12.01
C ALA C 123 0.15 12.42 12.07
N GLN C 124 -0.46 13.57 11.80
CA GLN C 124 0.22 14.84 11.91
C GLN C 124 0.57 15.10 13.37
N ALA C 125 -0.38 14.80 14.25
CA ALA C 125 -0.24 14.97 15.69
C ALA C 125 -1.13 13.94 16.40
N PRO C 126 -0.75 13.49 17.61
CA PRO C 126 0.37 13.91 18.44
C PRO C 126 1.63 13.10 18.15
N LYS C 127 2.68 13.36 18.90
CA LYS C 127 3.91 12.57 18.84
C LYS C 127 3.60 11.12 19.22
N LEU C 128 3.86 10.20 18.30
CA LEU C 128 3.59 8.78 18.55
C LEU C 128 4.82 8.04 19.05
N ALA C 129 5.98 8.66 18.88
CA ALA C 129 7.27 8.05 19.23
C ALA C 129 7.29 7.29 20.57
N PRO C 130 6.87 7.94 21.68
CA PRO C 130 7.00 7.22 22.96
C PRO C 130 6.02 6.04 23.14
N HIS C 131 5.10 5.85 22.19
CA HIS C 131 4.04 4.87 22.36
C HIS C 131 4.18 3.63 21.44
N ILE C 132 5.05 3.73 20.45
CA ILE C 132 5.18 2.71 19.41
C ILE C 132 5.64 1.33 19.92
N ASP C 133 6.61 1.31 20.84
CA ASP C 133 7.10 0.05 21.41
C ASP C 133 5.97 -0.71 22.11
N ALA C 134 5.15 0.00 22.87
CA ALA C 134 3.95 -0.57 23.50
C ALA C 134 2.95 -1.12 22.48
N MET C 135 2.71 -0.35 21.41
CA MET C 135 1.82 -0.78 20.31
C MET C 135 2.26 -2.14 19.77
N ARG C 136 3.56 -2.24 19.46
CA ARG C 136 4.18 -3.45 18.95
C ARG C 136 4.02 -4.62 19.94
N ALA C 137 4.29 -4.34 21.22
CA ALA C 137 4.10 -5.32 22.30
C ALA C 137 2.64 -5.83 22.36
N ASN C 138 1.71 -4.88 22.32
CA ASN C 138 0.27 -5.18 22.30
C ASN C 138 -0.12 -6.11 21.14
N ILE C 139 0.30 -5.75 19.93
CA ILE C 139 -0.01 -6.50 18.70
C ILE C 139 0.60 -7.91 18.73
N ALA C 140 1.88 -8.01 19.11
CA ALA C 140 2.56 -9.29 19.22
C ALA C 140 1.86 -10.21 20.22
N ALA C 141 1.39 -9.63 21.32
CA ALA C 141 0.63 -10.38 22.33
C ALA C 141 -0.68 -10.92 21.76
N ASP C 142 -1.44 -10.04 21.11
CA ASP C 142 -2.72 -10.42 20.52
C ASP C 142 -2.57 -11.45 19.40
N LEU C 143 -1.48 -11.37 18.65
CA LEU C 143 -1.25 -12.32 17.55
C LEU C 143 -0.42 -13.55 17.95
N ASP C 144 -0.13 -13.70 19.25
CA ASP C 144 0.79 -14.75 19.75
C ASP C 144 2.05 -14.87 18.89
N LEU C 145 2.72 -13.74 18.69
CA LEU C 145 3.96 -13.66 17.93
C LEU C 145 5.05 -13.04 18.78
N PRO C 146 6.31 -13.42 18.54
CA PRO C 146 7.44 -12.73 19.18
C PRO C 146 7.61 -11.33 18.63
N LEU C 147 8.20 -10.45 19.43
CA LEU C 147 8.35 -9.03 19.08
C LEU C 147 9.02 -8.80 17.72
N ASP C 148 9.92 -9.70 17.34
CA ASP C 148 10.73 -9.50 16.15
C ASP C 148 9.96 -9.74 14.84
N ARG C 149 8.72 -10.21 14.95
CA ARG C 149 7.87 -10.46 13.77
C ARG C 149 6.77 -9.41 13.62
N VAL C 150 6.82 -8.36 14.45
CA VAL C 150 5.81 -7.32 14.43
C VAL C 150 6.48 -5.95 14.34
N ASN C 151 6.00 -5.13 13.40
CA ASN C 151 6.55 -3.80 13.27
C ASN C 151 5.51 -2.69 13.12
N VAL C 152 5.78 -1.56 13.75
CA VAL C 152 4.93 -0.37 13.70
C VAL C 152 5.74 0.88 13.38
N LYS C 153 5.33 1.63 12.35
CA LYS C 153 6.04 2.82 11.87
C LYS C 153 5.10 4.01 11.90
N ALA C 154 5.64 5.23 11.88
CA ALA C 154 4.82 6.44 11.87
C ALA C 154 5.37 7.54 10.98
N LYS C 155 4.44 8.28 10.37
CA LYS C 155 4.73 9.38 9.46
C LYS C 155 3.74 10.49 9.76
N THR C 156 4.14 11.74 9.51
CA THR C 156 3.15 12.82 9.38
C THR C 156 2.69 12.85 7.92
N ASN C 157 1.72 13.69 7.60
CA ASN C 157 1.34 13.88 6.21
C ASN C 157 1.85 15.19 5.63
N GLU C 158 2.95 15.70 6.21
CA GLU C 158 3.59 16.95 5.78
C GLU C 158 2.55 18.06 5.55
N LYS C 159 1.61 18.16 6.49
CA LYS C 159 0.53 19.15 6.48
C LYS C 159 -0.38 19.14 5.25
N LEU C 160 -0.39 18.02 4.51
CA LEU C 160 -1.24 17.92 3.32
C LEU C 160 -2.56 17.21 3.59
N GLY C 161 -3.64 17.71 3.00
CA GLY C 161 -4.95 17.04 3.05
C GLY C 161 -5.59 16.92 4.43
N TYR C 162 -6.64 16.12 4.53
CA TYR C 162 -7.36 15.96 5.80
C TYR C 162 -6.46 15.43 6.90
N LEU C 163 -5.56 14.50 6.56
CA LEU C 163 -4.57 13.99 7.51
C LEU C 163 -3.66 15.11 8.02
N GLY C 164 -3.22 15.96 7.09
CA GLY C 164 -2.29 17.06 7.41
C GLY C 164 -2.90 18.17 8.23
N ARG C 165 -4.22 18.34 8.12
CA ARG C 165 -4.96 19.30 8.95
C ARG C 165 -5.36 18.73 10.32
N GLY C 166 -5.02 17.46 10.57
CA GLY C 166 -5.38 16.78 11.82
C GLY C 166 -6.86 16.46 11.90
N GLU C 167 -7.47 16.19 10.75
CA GLU C 167 -8.89 15.85 10.68
C GLU C 167 -9.12 14.34 10.80
N GLY C 168 -8.09 13.57 10.49
CA GLY C 168 -8.14 12.12 10.64
C GLY C 168 -6.78 11.49 10.87
N ILE C 169 -6.77 10.17 11.07
CA ILE C 169 -5.55 9.38 11.16
C ILE C 169 -5.73 8.11 10.34
N GLU C 170 -4.72 7.82 9.52
CA GLU C 170 -4.74 6.66 8.63
C GLU C 170 -3.74 5.63 9.14
N ALA C 171 -4.03 4.36 8.89
CA ALA C 171 -3.06 3.28 9.10
C ALA C 171 -3.03 2.37 7.89
N GLN C 172 -1.83 1.85 7.59
CA GLN C 172 -1.61 0.90 6.53
C GLN C 172 -0.95 -0.34 7.14
N ALA C 173 -1.26 -1.51 6.59
CA ALA C 173 -0.64 -2.74 7.09
C ALA C 173 -0.35 -3.76 6.00
N ALA C 174 0.74 -4.49 6.19
CA ALA C 174 1.06 -5.65 5.38
C ALA C 174 1.25 -6.85 6.30
N ALA C 175 0.72 -8.01 5.87
CA ALA C 175 0.87 -9.24 6.64
C ALA C 175 1.27 -10.40 5.73
N LEU C 176 2.24 -11.20 6.21
CA LEU C 176 2.63 -12.45 5.56
C LEU C 176 2.14 -13.63 6.38
N VAL C 177 1.46 -14.57 5.73
CA VAL C 177 1.05 -15.81 6.40
C VAL C 177 1.49 -17.02 5.57
N VAL C 178 1.44 -18.20 6.18
CA VAL C 178 1.72 -19.47 5.47
C VAL C 178 0.70 -20.55 5.86
N ARG C 179 0.31 -21.40 4.91
CA ARG C 179 -0.72 -22.42 5.20
C ARG C 179 -0.17 -23.66 5.90
#